data_2PGH
#
_entry.id   2PGH
#
_cell.length_a   69.600
_cell.length_b   72.800
_cell.length_c   115.800
_cell.angle_alpha   90.00
_cell.angle_beta   90.00
_cell.angle_gamma   90.00
#
_symmetry.space_group_name_H-M   'P 21 21 21'
#
loop_
_entity.id
_entity.type
_entity.pdbx_description
1 polymer 'HEMOGLOBIN (AQUO MET) (ALPHA CHAIN)'
2 polymer 'HEMOGLOBIN (AQUO MET) (BETA CHAIN)'
3 non-polymer 'PROTOPORPHYRIN IX CONTAINING FE'
4 water water
#
loop_
_entity_poly.entity_id
_entity_poly.type
_entity_poly.pdbx_seq_one_letter_code
_entity_poly.pdbx_strand_id
1 'polypeptide(L)'
;VLSAADKANVKAAWGKVGGQAGAHGAEALERMFLGFPTTKTYFPHFNLSHGSDQVKAHGQKVADALTKAVGHLDDLPGAL
SALSDLHAHKLRVDPVNFKLLSHCLLVTLAAHHPDDFNPSVHASLDKFLANVSTVLTSKYR
;
A,C
2 'polypeptide(L)'
;VHLSAEEKEAVLGLWGKVNVDEVGGEALGRLLVVYPWTQRFFESFGDLSNADAVMGNPKVKAHGKKVLQSFSDGLKHLDN
LKGTFAKLSELHCDQLHVDPENFRLLGNVIVVVLARRLGHDFNPDVQAAFQKVVAGVANALAHKYH
;
B,D
#
loop_
_chem_comp.id
_chem_comp.type
_chem_comp.name
_chem_comp.formula
HEM non-polymer 'PROTOPORPHYRIN IX CONTAINING FE' 'C34 H32 Fe N4 O4'
#
# COMPACT_ATOMS: atom_id res chain seq x y z
N VAL A 1 2.08 -2.25 -16.85
CA VAL A 1 1.87 -3.35 -17.82
C VAL A 1 3.20 -3.62 -18.51
N LEU A 2 3.45 -4.87 -18.85
CA LEU A 2 4.70 -5.21 -19.52
C LEU A 2 4.54 -4.96 -21.01
N SER A 3 5.22 -3.92 -21.47
CA SER A 3 5.22 -3.54 -22.86
C SER A 3 6.34 -4.32 -23.54
N ALA A 4 6.55 -4.07 -24.83
CA ALA A 4 7.59 -4.81 -25.56
C ALA A 4 8.96 -4.54 -24.95
N ALA A 5 9.23 -3.29 -24.61
CA ALA A 5 10.51 -2.94 -24.02
C ALA A 5 10.65 -3.70 -22.71
N ASP A 6 9.57 -3.72 -21.94
CA ASP A 6 9.56 -4.43 -20.66
C ASP A 6 9.78 -5.93 -20.91
N LYS A 7 9.04 -6.53 -21.83
CA LYS A 7 9.21 -7.96 -22.14
C LYS A 7 10.68 -8.30 -22.49
N ALA A 8 11.24 -7.60 -23.48
CA ALA A 8 12.62 -7.81 -23.91
C ALA A 8 13.65 -7.38 -22.85
N ASN A 9 13.25 -6.54 -21.91
CA ASN A 9 14.19 -6.13 -20.89
C ASN A 9 14.30 -7.23 -19.85
N VAL A 10 13.17 -7.86 -19.55
CA VAL A 10 13.13 -8.96 -18.61
C VAL A 10 13.91 -10.13 -19.21
N LYS A 11 13.44 -10.65 -20.34
CA LYS A 11 14.09 -11.79 -20.97
C LYS A 11 15.58 -11.59 -21.09
N ALA A 12 15.98 -10.48 -21.66
CA ALA A 12 17.40 -10.18 -21.79
C ALA A 12 18.12 -10.06 -20.41
N ALA A 13 17.38 -9.81 -19.33
CA ALA A 13 18.04 -9.71 -18.03
C ALA A 13 18.03 -11.05 -17.29
N TRP A 14 16.93 -11.80 -17.42
CA TRP A 14 16.79 -13.08 -16.74
C TRP A 14 17.68 -14.11 -17.40
N GLY A 15 17.72 -14.06 -18.73
CA GLY A 15 18.54 -14.96 -19.50
C GLY A 15 19.95 -14.98 -18.94
N LYS A 16 20.46 -13.79 -18.61
CA LYS A 16 21.80 -13.67 -18.05
C LYS A 16 21.94 -14.39 -16.72
N VAL A 17 20.93 -14.26 -15.86
CA VAL A 17 20.95 -14.88 -14.54
C VAL A 17 21.41 -16.34 -14.65
N GLY A 18 20.89 -17.05 -15.63
CA GLY A 18 21.30 -18.42 -15.87
C GLY A 18 21.01 -19.46 -14.79
N GLY A 19 22.02 -20.25 -14.46
CA GLY A 19 21.87 -21.29 -13.47
C GLY A 19 21.72 -20.80 -12.05
N GLN A 20 22.18 -19.57 -11.80
CA GLN A 20 22.10 -18.98 -10.46
C GLN A 20 20.65 -18.74 -9.98
N ALA A 21 19.71 -18.74 -10.92
CA ALA A 21 18.30 -18.51 -10.66
C ALA A 21 17.90 -19.09 -9.32
N GLY A 22 18.31 -20.33 -9.05
CA GLY A 22 18.00 -20.99 -7.80
C GLY A 22 18.61 -20.35 -6.56
N ALA A 23 19.90 -20.02 -6.64
CA ALA A 23 20.62 -19.39 -5.53
C ALA A 23 20.08 -18.00 -5.23
N HIS A 24 19.53 -17.35 -6.26
CA HIS A 24 18.97 -16.02 -6.11
C HIS A 24 17.49 -16.03 -5.69
N GLY A 25 16.77 -17.12 -5.95
CA GLY A 25 15.37 -17.23 -5.55
C GLY A 25 15.39 -17.47 -4.05
N ALA A 26 16.36 -18.27 -3.60
CA ALA A 26 16.53 -18.60 -2.18
C ALA A 26 17.06 -17.43 -1.35
N GLU A 27 18.09 -16.75 -1.86
CA GLU A 27 18.68 -15.60 -1.17
C GLU A 27 17.57 -14.64 -0.83
N ALA A 28 16.76 -14.29 -1.83
CA ALA A 28 15.62 -13.37 -1.67
C ALA A 28 14.73 -13.78 -0.52
N LEU A 29 14.26 -15.04 -0.53
CA LEU A 29 13.42 -15.55 0.54
C LEU A 29 14.15 -15.30 1.84
N GLU A 30 15.37 -15.82 1.91
CA GLU A 30 16.20 -15.67 3.10
C GLU A 30 16.34 -14.21 3.53
N ARG A 31 16.38 -13.30 2.56
CA ARG A 31 16.48 -11.89 2.89
C ARG A 31 15.14 -11.41 3.43
N MET A 32 14.05 -11.95 2.89
CA MET A 32 12.68 -11.61 3.32
C MET A 32 12.42 -11.99 4.78
N PHE A 33 12.66 -13.25 5.11
CA PHE A 33 12.44 -13.75 6.47
C PHE A 33 13.17 -12.87 7.49
N LEU A 34 14.33 -12.35 7.12
CA LEU A 34 15.14 -11.50 8.00
C LEU A 34 14.74 -10.04 8.02
N GLY A 35 14.51 -9.48 6.84
CA GLY A 35 14.14 -8.08 6.74
C GLY A 35 12.73 -7.80 7.19
N PHE A 36 11.85 -8.79 7.06
CA PHE A 36 10.44 -8.67 7.44
C PHE A 36 9.93 -9.97 8.17
N PRO A 37 10.23 -10.11 9.50
CA PRO A 37 9.84 -11.27 10.29
C PRO A 37 8.41 -11.69 10.15
N THR A 38 7.50 -10.74 10.01
CA THR A 38 6.09 -11.02 9.87
C THR A 38 5.78 -11.96 8.73
N THR A 39 6.78 -12.36 7.94
CA THR A 39 6.50 -13.29 6.86
C THR A 39 6.95 -14.68 7.25
N LYS A 40 7.70 -14.78 8.33
CA LYS A 40 8.20 -16.07 8.77
C LYS A 40 7.08 -16.98 9.26
N THR A 41 5.89 -16.45 9.57
CA THR A 41 4.79 -17.30 10.03
C THR A 41 4.30 -18.24 8.96
N TYR A 42 4.30 -17.78 7.71
CA TYR A 42 3.85 -18.60 6.59
C TYR A 42 4.67 -19.87 6.42
N PHE A 43 5.64 -20.09 7.30
CA PHE A 43 6.48 -21.26 7.19
C PHE A 43 6.92 -21.76 8.56
N PRO A 44 6.00 -22.29 9.37
CA PRO A 44 6.49 -22.78 10.66
C PRO A 44 7.09 -24.14 10.53
N HIS A 45 7.09 -24.68 9.31
CA HIS A 45 7.63 -26.03 9.08
C HIS A 45 9.01 -26.08 8.43
N PHE A 46 9.58 -24.94 8.06
CA PHE A 46 10.91 -24.95 7.44
C PHE A 46 11.95 -24.81 8.53
N ASN A 47 13.22 -25.01 8.18
CA ASN A 47 14.30 -24.89 9.15
C ASN A 47 14.87 -23.48 9.14
N LEU A 48 14.16 -22.59 8.46
CA LEU A 48 14.51 -21.19 8.31
C LEU A 48 15.83 -20.65 8.89
N SER A 49 16.93 -21.23 8.44
CA SER A 49 18.26 -20.81 8.86
C SER A 49 19.01 -20.35 7.62
N HIS A 50 20.29 -20.00 7.76
CA HIS A 50 21.04 -19.57 6.60
C HIS A 50 21.19 -20.88 5.90
N GLY A 51 20.25 -21.12 5.01
CA GLY A 51 20.27 -22.34 4.24
C GLY A 51 20.27 -23.68 4.95
N SER A 52 19.17 -24.38 4.76
CA SER A 52 18.94 -25.73 5.26
C SER A 52 18.17 -26.24 4.06
N ASP A 53 18.37 -27.49 3.67
CA ASP A 53 17.69 -28.09 2.51
C ASP A 53 16.42 -27.33 2.06
N GLN A 54 15.62 -26.89 3.05
CA GLN A 54 14.38 -26.16 2.81
C GLN A 54 14.44 -24.87 2.02
N VAL A 55 15.08 -23.84 2.58
CA VAL A 55 15.12 -22.55 1.88
C VAL A 55 15.63 -22.60 0.46
N LYS A 56 16.59 -23.50 0.16
CA LYS A 56 17.14 -23.63 -1.19
C LYS A 56 16.25 -24.55 -2.00
N ALA A 57 15.63 -25.53 -1.33
CA ALA A 57 14.71 -26.41 -2.03
C ALA A 57 13.55 -25.52 -2.48
N HIS A 58 13.12 -24.62 -1.59
CA HIS A 58 12.00 -23.72 -1.86
C HIS A 58 12.43 -22.67 -2.86
N GLY A 59 13.58 -22.04 -2.60
CA GLY A 59 14.11 -21.06 -3.52
C GLY A 59 14.11 -21.65 -4.91
N GLN A 60 14.76 -22.81 -5.09
CA GLN A 60 14.83 -23.50 -6.38
C GLN A 60 13.47 -23.48 -7.08
N LYS A 61 12.38 -23.69 -6.33
CA LYS A 61 11.05 -23.70 -6.91
C LYS A 61 10.53 -22.33 -7.32
N VAL A 62 10.74 -21.33 -6.46
CA VAL A 62 10.28 -19.97 -6.74
C VAL A 62 10.97 -19.53 -8.04
N ALA A 63 12.24 -19.90 -8.17
CA ALA A 63 13.07 -19.57 -9.33
C ALA A 63 12.54 -20.15 -10.64
N ASP A 64 11.73 -21.19 -10.52
CA ASP A 64 11.18 -21.84 -11.68
C ASP A 64 9.84 -21.24 -12.11
N ALA A 65 9.05 -20.76 -11.15
CA ALA A 65 7.77 -20.15 -11.48
C ALA A 65 8.05 -18.92 -12.31
N LEU A 66 9.01 -18.15 -11.82
CA LEU A 66 9.43 -16.94 -12.52
C LEU A 66 9.92 -17.29 -13.94
N THR A 67 10.75 -18.32 -14.09
CA THR A 67 11.26 -18.67 -15.40
C THR A 67 10.16 -19.05 -16.33
N LYS A 68 9.08 -19.59 -15.77
CA LYS A 68 7.90 -19.98 -16.56
C LYS A 68 7.23 -18.70 -17.04
N ALA A 69 6.98 -17.80 -16.09
CA ALA A 69 6.36 -16.50 -16.36
C ALA A 69 7.18 -15.79 -17.42
N VAL A 70 8.47 -15.58 -17.11
CA VAL A 70 9.45 -14.93 -17.99
C VAL A 70 9.39 -15.55 -19.39
N GLY A 71 8.89 -16.77 -19.49
CA GLY A 71 8.79 -17.42 -20.79
C GLY A 71 7.37 -17.40 -21.34
N HIS A 72 6.44 -16.80 -20.59
CA HIS A 72 5.05 -16.68 -20.99
C HIS A 72 4.43 -15.32 -20.62
N LEU A 73 5.27 -14.29 -20.54
CA LEU A 73 4.85 -12.93 -20.21
C LEU A 73 3.56 -12.49 -20.93
N ASP A 74 3.44 -12.93 -22.19
CA ASP A 74 2.30 -12.62 -23.05
C ASP A 74 0.96 -13.05 -22.47
N ASP A 75 0.96 -14.18 -21.76
CA ASP A 75 -0.23 -14.72 -21.11
C ASP A 75 0.13 -15.45 -19.80
N LEU A 76 0.28 -14.67 -18.73
CA LEU A 76 0.63 -15.19 -17.42
C LEU A 76 -0.53 -15.93 -16.74
N PRO A 77 -1.73 -15.32 -16.70
CA PRO A 77 -2.89 -15.96 -16.06
C PRO A 77 -3.01 -17.48 -16.24
N GLY A 78 -3.07 -17.93 -17.49
CA GLY A 78 -3.19 -19.36 -17.74
C GLY A 78 -1.99 -20.07 -17.14
N ALA A 79 -0.81 -19.61 -17.52
CA ALA A 79 0.43 -20.19 -17.05
C ALA A 79 0.77 -19.83 -15.59
N LEU A 80 -0.24 -19.59 -14.77
CA LEU A 80 -0.01 -19.26 -13.35
C LEU A 80 -1.25 -19.59 -12.52
N SER A 81 -2.19 -20.34 -13.11
CA SER A 81 -3.44 -20.73 -12.47
C SER A 81 -3.20 -21.39 -11.12
N ALA A 82 -2.43 -22.47 -11.10
CA ALA A 82 -2.16 -23.21 -9.86
C ALA A 82 -1.74 -22.30 -8.72
N LEU A 83 -0.49 -21.87 -8.71
CA LEU A 83 0.01 -21.00 -7.66
C LEU A 83 -1.01 -19.95 -7.18
N SER A 84 -1.74 -19.35 -8.10
CA SER A 84 -2.74 -18.34 -7.70
C SER A 84 -3.80 -18.88 -6.75
N ASP A 85 -4.17 -20.15 -6.94
CA ASP A 85 -5.16 -20.82 -6.12
C ASP A 85 -4.50 -21.45 -4.90
N LEU A 86 -3.18 -21.40 -4.84
CA LEU A 86 -2.45 -21.98 -3.70
C LEU A 86 -2.21 -20.84 -2.72
N HIS A 87 -2.14 -19.63 -3.25
CA HIS A 87 -1.87 -18.49 -2.39
C HIS A 87 -3.10 -17.67 -2.09
N ALA A 88 -4.08 -17.70 -3.00
CA ALA A 88 -5.31 -16.94 -2.84
C ALA A 88 -6.52 -17.81 -2.54
N HIS A 89 -6.36 -18.82 -1.69
CA HIS A 89 -7.43 -19.74 -1.33
C HIS A 89 -6.99 -20.72 -0.27
N LYS A 90 -6.08 -21.59 -0.66
CA LYS A 90 -5.55 -22.60 0.25
C LYS A 90 -4.77 -21.98 1.36
N LEU A 91 -3.76 -21.21 1.01
CA LEU A 91 -2.89 -20.57 2.00
C LEU A 91 -3.26 -19.17 2.47
N ARG A 92 -4.13 -18.48 1.72
CA ARG A 92 -4.52 -17.11 2.06
C ARG A 92 -3.29 -16.26 2.35
N VAL A 93 -2.27 -16.37 1.51
CA VAL A 93 -1.04 -15.60 1.68
C VAL A 93 -1.38 -14.10 1.53
N ASP A 94 -1.28 -13.36 2.63
CA ASP A 94 -1.57 -11.91 2.68
C ASP A 94 -0.86 -11.16 1.53
N PRO A 95 -1.65 -10.52 0.64
CA PRO A 95 -1.25 -9.74 -0.55
C PRO A 95 0.01 -8.91 -0.44
N VAL A 96 0.19 -8.21 0.67
CA VAL A 96 1.37 -7.37 0.81
C VAL A 96 2.69 -8.12 0.98
N ASN A 97 2.67 -9.44 1.06
CA ASN A 97 3.91 -10.20 1.20
C ASN A 97 4.56 -10.41 -0.18
N PHE A 98 3.79 -10.21 -1.24
CA PHE A 98 4.37 -10.34 -2.56
C PHE A 98 5.17 -9.09 -2.81
N LYS A 99 4.82 -8.00 -2.13
CA LYS A 99 5.52 -6.71 -2.27
C LYS A 99 6.87 -6.77 -1.58
N LEU A 100 6.94 -7.44 -0.43
CA LEU A 100 8.21 -7.59 0.29
C LEU A 100 9.09 -8.72 -0.30
N LEU A 101 8.52 -9.64 -1.08
CA LEU A 101 9.34 -10.69 -1.70
C LEU A 101 9.94 -10.20 -3.04
N SER A 102 9.24 -9.28 -3.70
CA SER A 102 9.72 -8.72 -4.94
C SER A 102 10.92 -7.87 -4.58
N HIS A 103 10.73 -6.94 -3.66
CA HIS A 103 11.83 -6.07 -3.22
C HIS A 103 13.14 -6.85 -3.08
N CYS A 104 13.12 -7.85 -2.19
CA CYS A 104 14.28 -8.70 -1.92
C CYS A 104 14.83 -9.36 -3.14
N LEU A 105 13.98 -9.71 -4.09
CA LEU A 105 14.49 -10.32 -5.32
C LEU A 105 15.22 -9.22 -6.14
N LEU A 106 14.73 -7.98 -6.05
CA LEU A 106 15.40 -6.86 -6.72
C LEU A 106 16.71 -6.58 -6.00
N VAL A 107 16.74 -6.59 -4.67
CA VAL A 107 18.01 -6.38 -3.95
C VAL A 107 18.96 -7.55 -4.20
N THR A 108 18.43 -8.73 -4.49
CA THR A 108 19.27 -9.90 -4.77
C THR A 108 19.86 -9.83 -6.19
N LEU A 109 19.00 -9.61 -7.20
CA LEU A 109 19.50 -9.52 -8.57
C LEU A 109 20.53 -8.40 -8.62
N ALA A 110 20.18 -7.23 -8.11
CA ALA A 110 21.06 -6.05 -8.08
C ALA A 110 22.41 -6.21 -7.36
N ALA A 111 22.48 -7.04 -6.32
CA ALA A 111 23.76 -7.20 -5.65
C ALA A 111 24.67 -8.10 -6.49
N HIS A 112 24.10 -9.11 -7.13
CA HIS A 112 24.89 -10.03 -7.95
C HIS A 112 25.20 -9.64 -9.39
N HIS A 113 24.28 -8.96 -10.09
CA HIS A 113 24.52 -8.54 -11.49
C HIS A 113 24.41 -7.01 -11.76
N PRO A 114 25.09 -6.19 -10.93
CA PRO A 114 25.06 -4.73 -11.06
C PRO A 114 25.47 -4.10 -12.39
N ASP A 115 25.63 -4.87 -13.45
CA ASP A 115 25.96 -4.24 -14.72
C ASP A 115 24.86 -4.37 -15.79
N ASP A 116 23.97 -5.35 -15.65
CA ASP A 116 22.86 -5.45 -16.60
C ASP A 116 21.74 -4.58 -16.05
N PHE A 117 21.65 -4.55 -14.72
CA PHE A 117 20.64 -3.83 -13.92
C PHE A 117 20.66 -2.32 -14.06
N ASN A 118 20.37 -1.84 -15.26
CA ASN A 118 20.30 -0.41 -15.53
C ASN A 118 18.87 0.09 -15.14
N PRO A 119 18.70 1.40 -14.92
CA PRO A 119 17.40 1.94 -14.54
C PRO A 119 16.21 1.39 -15.31
N SER A 120 16.40 1.08 -16.59
CA SER A 120 15.28 0.53 -17.36
C SER A 120 15.02 -0.93 -17.00
N VAL A 121 16.08 -1.73 -16.85
CA VAL A 121 15.89 -3.12 -16.49
C VAL A 121 15.23 -3.15 -15.13
N HIS A 122 15.57 -2.21 -14.27
CA HIS A 122 14.98 -2.10 -12.94
C HIS A 122 13.48 -1.81 -13.06
N ALA A 123 13.16 -0.66 -13.66
CA ALA A 123 11.77 -0.28 -13.87
C ALA A 123 11.02 -1.44 -14.51
N SER A 124 11.63 -2.05 -15.51
CA SER A 124 11.05 -3.19 -16.22
C SER A 124 10.84 -4.42 -15.33
N LEU A 125 11.79 -4.68 -14.44
CA LEU A 125 11.70 -5.83 -13.54
C LEU A 125 10.81 -5.57 -12.33
N ASP A 126 10.42 -4.32 -12.12
CA ASP A 126 9.53 -3.94 -11.03
C ASP A 126 8.08 -4.10 -11.52
N LYS A 127 7.91 -4.35 -12.80
CA LYS A 127 6.59 -4.55 -13.39
C LYS A 127 6.33 -6.04 -13.62
N PHE A 128 7.40 -6.81 -13.87
CA PHE A 128 7.25 -8.25 -14.02
C PHE A 128 6.72 -8.71 -12.65
N LEU A 129 7.58 -8.60 -11.64
CA LEU A 129 7.23 -8.99 -10.29
C LEU A 129 5.89 -8.39 -9.85
N ALA A 130 5.54 -7.22 -10.36
CA ALA A 130 4.25 -6.63 -9.99
C ALA A 130 3.13 -7.41 -10.68
N ASN A 131 3.18 -7.53 -12.01
CA ASN A 131 2.12 -8.27 -12.68
C ASN A 131 2.12 -9.80 -12.44
N VAL A 132 3.22 -10.35 -11.91
CA VAL A 132 3.22 -11.78 -11.56
C VAL A 132 2.42 -11.83 -10.24
N SER A 133 2.71 -10.88 -9.34
CA SER A 133 2.06 -10.79 -8.04
C SER A 133 0.57 -10.65 -8.18
N THR A 134 0.15 -9.62 -8.90
CA THR A 134 -1.25 -9.40 -9.12
C THR A 134 -1.89 -10.68 -9.62
N VAL A 135 -1.25 -11.36 -10.56
CA VAL A 135 -1.78 -12.62 -11.06
C VAL A 135 -2.00 -13.58 -9.88
N LEU A 136 -1.01 -13.73 -9.01
CA LEU A 136 -1.11 -14.65 -7.86
C LEU A 136 -2.00 -14.07 -6.79
N THR A 137 -2.70 -13.01 -7.12
CA THR A 137 -3.55 -12.31 -6.17
C THR A 137 -4.81 -11.89 -6.93
N SER A 138 -5.45 -12.93 -7.48
CA SER A 138 -6.69 -12.81 -8.22
C SER A 138 -7.63 -13.79 -7.53
N LYS A 139 -7.35 -15.08 -7.69
CA LYS A 139 -8.17 -16.18 -7.13
C LYS A 139 -8.99 -15.91 -5.88
N TYR A 140 -8.44 -15.13 -4.95
CA TYR A 140 -9.07 -14.77 -3.69
C TYR A 140 -10.55 -15.07 -3.48
N ARG A 141 -11.38 -14.64 -4.43
CA ARG A 141 -12.84 -14.83 -4.37
C ARG A 141 -13.45 -14.19 -3.13
N VAL B 1 13.41 4.26 15.31
CA VAL B 1 13.13 2.82 15.55
C VAL B 1 14.10 2.32 16.61
N HIS B 2 14.13 1.00 16.77
CA HIS B 2 15.01 0.34 17.74
C HIS B 2 15.88 -0.75 17.08
N LEU B 3 17.09 -0.35 16.70
CA LEU B 3 18.05 -1.25 16.11
C LEU B 3 18.69 -1.83 17.36
N SER B 4 19.46 -2.90 17.22
CA SER B 4 20.09 -3.49 18.39
C SER B 4 21.41 -2.78 18.70
N ALA B 5 22.34 -3.52 19.27
CA ALA B 5 23.65 -2.99 19.61
C ALA B 5 24.63 -3.56 18.60
N GLU B 6 24.15 -4.51 17.80
CA GLU B 6 24.99 -5.14 16.77
C GLU B 6 24.58 -4.54 15.44
N GLU B 7 23.29 -4.31 15.28
CA GLU B 7 22.74 -3.72 14.06
C GLU B 7 23.23 -2.29 13.92
N LYS B 8 23.50 -1.64 15.06
CA LYS B 8 24.03 -0.28 15.09
C LYS B 8 25.38 -0.20 14.37
N GLU B 9 26.17 -1.26 14.47
CA GLU B 9 27.49 -1.32 13.85
C GLU B 9 27.44 -1.77 12.41
N ALA B 10 26.51 -2.66 12.08
CA ALA B 10 26.40 -3.14 10.71
C ALA B 10 26.22 -1.94 9.79
N VAL B 11 25.27 -1.10 10.16
CA VAL B 11 24.96 0.11 9.39
C VAL B 11 26.07 1.15 9.46
N LEU B 12 26.34 1.66 10.67
CA LEU B 12 27.36 2.68 10.88
C LEU B 12 28.65 2.37 10.18
N GLY B 13 28.97 1.08 10.11
CA GLY B 13 30.19 0.63 9.48
C GLY B 13 30.23 0.80 7.97
N LEU B 14 29.22 0.30 7.27
CA LEU B 14 29.20 0.41 5.82
C LEU B 14 28.68 1.72 5.25
N TRP B 15 28.25 2.63 6.11
CA TRP B 15 27.83 3.93 5.63
C TRP B 15 29.13 4.66 5.34
N GLY B 16 30.22 4.16 5.92
CA GLY B 16 31.52 4.77 5.73
C GLY B 16 32.25 4.35 4.48
N LYS B 17 31.68 3.40 3.73
CA LYS B 17 32.31 2.92 2.52
C LYS B 17 31.44 3.12 1.28
N VAL B 18 30.32 3.81 1.47
CA VAL B 18 29.39 4.12 0.41
C VAL B 18 29.49 5.61 0.12
N ASN B 19 29.82 5.96 -1.13
CA ASN B 19 29.95 7.36 -1.50
C ASN B 19 28.57 7.98 -1.59
N VAL B 20 28.03 8.36 -0.44
CA VAL B 20 26.69 8.94 -0.34
C VAL B 20 26.35 9.93 -1.46
N ASP B 21 27.38 10.54 -2.05
CA ASP B 21 27.22 11.49 -3.13
C ASP B 21 26.64 10.85 -4.37
N GLU B 22 27.27 9.78 -4.83
CA GLU B 22 26.78 9.07 -6.02
C GLU B 22 25.47 8.36 -5.69
N VAL B 23 25.46 7.66 -4.57
CA VAL B 23 24.27 6.95 -4.14
C VAL B 23 23.08 7.92 -4.21
N GLY B 24 23.20 9.08 -3.57
CA GLY B 24 22.14 10.07 -3.56
C GLY B 24 21.65 10.46 -4.94
N GLY B 25 22.54 10.42 -5.91
CA GLY B 25 22.14 10.77 -7.26
C GLY B 25 21.55 9.59 -8.00
N GLU B 26 21.85 8.38 -7.54
CA GLU B 26 21.35 7.16 -8.16
C GLU B 26 19.97 6.79 -7.60
N ALA B 27 19.77 6.98 -6.30
CA ALA B 27 18.48 6.69 -5.66
C ALA B 27 17.39 7.58 -6.26
N LEU B 28 17.58 8.88 -6.15
CA LEU B 28 16.62 9.85 -6.68
C LEU B 28 16.34 9.66 -8.16
N GLY B 29 17.38 9.40 -8.94
CA GLY B 29 17.21 9.21 -10.37
C GLY B 29 16.50 7.90 -10.63
N ARG B 30 16.88 6.85 -9.90
CA ARG B 30 16.29 5.49 -10.01
C ARG B 30 14.79 5.51 -9.63
N LEU B 31 14.45 6.31 -8.61
CA LEU B 31 13.05 6.47 -8.19
C LEU B 31 12.28 7.03 -9.40
N LEU B 32 12.56 8.28 -9.75
CA LEU B 32 11.91 8.92 -10.90
C LEU B 32 11.74 8.04 -12.14
N VAL B 33 12.70 7.17 -12.45
CA VAL B 33 12.46 6.36 -13.63
C VAL B 33 11.54 5.22 -13.29
N VAL B 34 11.68 4.66 -12.08
CA VAL B 34 10.84 3.54 -11.71
C VAL B 34 9.41 3.95 -11.34
N TYR B 35 9.26 4.92 -10.44
CA TYR B 35 7.94 5.43 -10.02
C TYR B 35 7.67 6.74 -10.74
N PRO B 36 7.31 6.67 -12.01
CA PRO B 36 7.02 7.83 -12.86
C PRO B 36 6.19 8.96 -12.26
N TRP B 37 5.07 8.64 -11.63
CA TRP B 37 4.19 9.65 -11.06
C TRP B 37 4.83 10.71 -10.12
N THR B 38 6.06 10.45 -9.68
CA THR B 38 6.78 11.36 -8.78
C THR B 38 7.54 12.43 -9.53
N GLN B 39 7.60 12.29 -10.85
CA GLN B 39 8.28 13.28 -11.69
C GLN B 39 7.51 14.57 -11.58
N ARG B 40 6.23 14.45 -11.20
CA ARG B 40 5.32 15.59 -11.05
C ARG B 40 5.74 16.57 -9.94
N PHE B 41 6.66 16.16 -9.08
CA PHE B 41 7.11 17.05 -8.01
C PHE B 41 8.42 17.74 -8.41
N PHE B 42 9.01 17.24 -9.50
CA PHE B 42 10.27 17.76 -9.96
C PHE B 42 10.09 18.30 -11.37
N GLU B 43 8.96 18.94 -11.68
CA GLU B 43 8.81 19.43 -13.05
C GLU B 43 9.69 20.63 -13.43
N SER B 44 10.27 21.29 -12.44
CA SER B 44 11.15 22.41 -12.75
C SER B 44 12.57 21.89 -12.94
N PHE B 45 12.71 20.59 -13.18
CA PHE B 45 14.02 19.98 -13.38
C PHE B 45 14.34 19.77 -14.85
N GLY B 46 13.41 20.14 -15.72
CA GLY B 46 13.64 20.01 -17.14
C GLY B 46 12.91 18.84 -17.74
N ASP B 47 13.63 18.04 -18.53
CA ASP B 47 13.03 16.87 -19.19
C ASP B 47 13.33 15.58 -18.44
N LEU B 48 12.34 14.69 -18.40
CA LEU B 48 12.53 13.42 -17.71
C LEU B 48 11.82 12.28 -18.50
N SER B 49 11.58 12.52 -19.78
CA SER B 49 10.92 11.56 -20.66
C SER B 49 11.73 10.31 -21.02
N ASN B 50 13.05 10.38 -20.91
CA ASN B 50 13.86 9.18 -21.20
C ASN B 50 14.76 8.83 -20.01
N ALA B 51 14.92 7.53 -19.72
CA ALA B 51 15.73 7.07 -18.59
C ALA B 51 17.11 7.75 -18.56
N ASP B 52 17.80 7.77 -19.70
CA ASP B 52 19.13 8.39 -19.85
C ASP B 52 19.13 9.84 -19.43
N ALA B 53 18.22 10.62 -20.01
CA ALA B 53 18.11 12.04 -19.72
C ALA B 53 18.01 12.25 -18.23
N VAL B 54 17.12 11.51 -17.55
CA VAL B 54 16.95 11.63 -16.10
C VAL B 54 18.25 11.31 -15.34
N MET B 55 18.86 10.18 -15.67
CA MET B 55 20.11 9.72 -15.06
C MET B 55 21.27 10.41 -15.76
N GLY B 56 21.20 11.74 -15.80
CA GLY B 56 22.23 12.53 -16.44
C GLY B 56 21.94 13.94 -16.01
N ASN B 57 20.65 14.26 -16.02
CA ASN B 57 20.12 15.55 -15.60
C ASN B 57 20.92 15.96 -14.37
N PRO B 58 21.64 17.10 -14.41
CA PRO B 58 22.46 17.57 -13.28
C PRO B 58 21.67 17.99 -12.06
N LYS B 59 20.40 18.31 -12.28
CA LYS B 59 19.57 18.72 -11.16
C LYS B 59 19.31 17.56 -10.20
N VAL B 60 18.94 16.40 -10.74
CA VAL B 60 18.66 15.23 -9.91
C VAL B 60 19.84 14.88 -9.01
N LYS B 61 21.05 14.97 -9.56
CA LYS B 61 22.26 14.68 -8.81
C LYS B 61 22.42 15.67 -7.67
N ALA B 62 22.42 16.96 -8.01
CA ALA B 62 22.57 18.01 -7.02
C ALA B 62 21.60 17.87 -5.84
N HIS B 63 20.41 17.36 -6.12
CA HIS B 63 19.35 17.16 -5.11
C HIS B 63 19.52 15.81 -4.40
N GLY B 64 19.82 14.77 -5.18
CA GLY B 64 20.03 13.46 -4.62
C GLY B 64 21.01 13.58 -3.46
N LYS B 65 22.15 14.19 -3.74
CA LYS B 65 23.22 14.44 -2.77
C LYS B 65 22.67 15.06 -1.50
N LYS B 66 21.65 15.89 -1.67
CA LYS B 66 20.99 16.54 -0.56
C LYS B 66 20.12 15.53 0.21
N VAL B 67 19.36 14.71 -0.53
CA VAL B 67 18.50 13.66 0.06
C VAL B 67 19.34 12.77 1.02
N LEU B 68 20.33 12.09 0.45
CA LEU B 68 21.21 11.21 1.22
C LEU B 68 22.06 11.91 2.27
N GLN B 69 22.22 13.23 2.15
CA GLN B 69 23.00 13.95 3.14
C GLN B 69 22.21 13.99 4.45
N SER B 70 20.91 14.18 4.37
CA SER B 70 20.11 14.23 5.59
C SER B 70 19.88 12.82 6.12
N PHE B 71 19.87 11.85 5.20
CA PHE B 71 19.67 10.44 5.56
C PHE B 71 20.81 10.15 6.53
N SER B 72 22.03 10.54 6.13
CA SER B 72 23.24 10.37 6.93
C SER B 72 23.24 11.28 8.14
N ASP B 73 23.05 12.59 7.95
CA ASP B 73 22.99 13.54 9.08
C ASP B 73 21.59 13.38 9.68
N GLY B 74 21.34 12.14 10.10
CA GLY B 74 20.08 11.70 10.68
C GLY B 74 20.43 10.34 11.23
N LEU B 75 21.38 9.67 10.57
CA LEU B 75 21.87 8.37 11.04
C LEU B 75 22.51 8.77 12.38
N LYS B 76 22.76 7.81 13.27
CA LYS B 76 23.36 8.11 14.57
C LYS B 76 22.35 8.81 15.53
N HIS B 77 21.46 9.66 15.00
CA HIS B 77 20.43 10.33 15.85
C HIS B 77 19.18 9.43 15.83
N LEU B 78 19.41 8.12 15.73
CA LEU B 78 18.34 7.13 15.63
C LEU B 78 17.19 7.19 16.59
N ASP B 79 17.44 7.07 17.89
CA ASP B 79 16.34 7.09 18.85
C ASP B 79 15.42 8.33 18.78
N ASN B 80 15.90 9.41 18.19
CA ASN B 80 15.07 10.60 18.06
C ASN B 80 15.01 11.14 16.63
N LEU B 81 14.71 10.26 15.68
CA LEU B 81 14.59 10.67 14.27
C LEU B 81 13.39 11.60 14.09
N LYS B 82 12.55 11.65 15.11
CA LYS B 82 11.36 12.48 15.10
C LYS B 82 11.73 13.94 15.32
N GLY B 83 12.79 14.16 16.08
CA GLY B 83 13.25 15.51 16.35
C GLY B 83 14.22 16.05 15.30
N THR B 84 14.69 15.17 14.42
CA THR B 84 15.62 15.50 13.35
C THR B 84 14.90 15.82 12.04
N PHE B 85 13.71 15.29 11.84
CA PHE B 85 13.02 15.57 10.59
C PHE B 85 11.81 16.52 10.71
N ALA B 86 11.60 17.08 11.90
CA ALA B 86 10.47 17.98 12.18
C ALA B 86 10.10 18.97 11.08
N LYS B 87 10.87 20.06 10.97
CA LYS B 87 10.59 21.08 9.97
C LYS B 87 10.57 20.41 8.58
N LEU B 88 11.48 19.44 8.42
CA LEU B 88 11.63 18.70 7.18
C LEU B 88 10.37 17.94 6.75
N SER B 89 9.50 17.59 7.70
CA SER B 89 8.24 16.93 7.37
C SER B 89 7.19 18.01 7.16
N GLU B 90 7.31 19.12 7.93
CA GLU B 90 6.41 20.25 7.81
C GLU B 90 6.48 20.69 6.37
N LEU B 91 7.71 20.89 5.91
CA LEU B 91 7.99 21.28 4.53
C LEU B 91 7.32 20.31 3.55
N HIS B 92 7.46 19.01 3.78
CA HIS B 92 6.88 18.00 2.89
C HIS B 92 5.37 18.03 2.86
N CYS B 93 4.76 18.13 4.04
CA CYS B 93 3.32 18.13 4.16
C CYS B 93 2.68 19.40 3.62
N ASP B 94 2.96 20.53 4.29
CA ASP B 94 2.40 21.81 3.90
C ASP B 94 2.92 22.35 2.58
N GLN B 95 4.24 22.40 2.45
CA GLN B 95 4.86 22.95 1.25
C GLN B 95 4.81 22.13 0.00
N LEU B 96 5.24 20.87 0.09
CA LEU B 96 5.27 19.98 -1.07
C LEU B 96 4.05 19.12 -1.29
N HIS B 97 3.33 18.80 -0.22
CA HIS B 97 2.15 17.98 -0.39
C HIS B 97 2.54 16.61 -0.86
N VAL B 98 3.55 16.00 -0.27
CA VAL B 98 3.93 14.66 -0.70
C VAL B 98 3.12 13.70 0.14
N ASP B 99 2.83 12.53 -0.41
CA ASP B 99 2.07 11.57 0.34
C ASP B 99 3.12 10.64 0.92
N PRO B 100 3.02 10.31 2.21
CA PRO B 100 4.00 9.43 2.85
C PRO B 100 4.25 8.06 2.25
N GLU B 101 3.40 7.60 1.35
CA GLU B 101 3.63 6.29 0.74
C GLU B 101 4.95 6.37 -0.02
N ASN B 102 5.16 7.52 -0.63
CA ASN B 102 6.34 7.73 -1.41
C ASN B 102 7.65 7.74 -0.60
N PHE B 103 7.59 7.88 0.74
CA PHE B 103 8.83 7.87 1.53
C PHE B 103 9.28 6.42 1.72
N ARG B 104 8.33 5.49 1.69
CA ARG B 104 8.62 4.08 1.87
C ARG B 104 9.17 3.60 0.54
N LEU B 105 8.67 4.18 -0.54
CA LEU B 105 9.16 3.85 -1.87
C LEU B 105 10.64 4.28 -2.01
N LEU B 106 10.97 5.50 -1.62
CA LEU B 106 12.36 5.96 -1.71
C LEU B 106 13.31 5.18 -0.80
N GLY B 107 12.93 4.96 0.46
CA GLY B 107 13.81 4.23 1.33
C GLY B 107 14.11 2.89 0.69
N ASN B 108 13.13 2.33 -0.02
CA ASN B 108 13.34 1.04 -0.68
C ASN B 108 14.31 1.18 -1.82
N VAL B 109 14.16 2.26 -2.59
CA VAL B 109 15.02 2.51 -3.74
C VAL B 109 16.47 2.65 -3.33
N ILE B 110 16.72 3.48 -2.32
CA ILE B 110 18.08 3.69 -1.84
C ILE B 110 18.64 2.36 -1.41
N VAL B 111 17.85 1.59 -0.66
CA VAL B 111 18.25 0.26 -0.17
C VAL B 111 18.69 -0.73 -1.30
N VAL B 112 18.25 -0.53 -2.54
CA VAL B 112 18.67 -1.43 -3.60
C VAL B 112 19.96 -0.89 -4.19
N VAL B 113 20.04 0.42 -4.35
CA VAL B 113 21.24 1.05 -4.90
C VAL B 113 22.42 0.56 -4.07
N LEU B 114 22.32 0.72 -2.76
CA LEU B 114 23.37 0.28 -1.83
C LEU B 114 23.80 -1.14 -2.19
N ALA B 115 22.83 -2.01 -2.46
CA ALA B 115 23.17 -3.36 -2.79
C ALA B 115 24.01 -3.37 -4.05
N ARG B 116 23.63 -2.60 -5.06
CA ARG B 116 24.39 -2.55 -6.30
C ARG B 116 25.82 -2.11 -6.03
N ARG B 117 25.95 -1.29 -4.99
CA ARG B 117 27.22 -0.75 -4.55
C ARG B 117 28.09 -1.70 -3.73
N LEU B 118 27.78 -1.93 -2.46
CA LEU B 118 28.63 -2.80 -1.64
C LEU B 118 28.61 -4.26 -2.06
N GLY B 119 27.75 -4.57 -3.03
CA GLY B 119 27.64 -5.93 -3.55
C GLY B 119 27.68 -6.98 -2.46
N HIS B 120 28.42 -8.06 -2.71
CA HIS B 120 28.56 -9.17 -1.76
C HIS B 120 28.63 -8.83 -0.25
N ASP B 121 29.12 -7.65 0.12
CA ASP B 121 29.21 -7.31 1.55
C ASP B 121 27.86 -6.86 2.14
N PHE B 122 26.85 -6.71 1.29
CA PHE B 122 25.53 -6.28 1.75
C PHE B 122 24.74 -7.55 2.11
N ASN B 123 25.31 -8.35 3.01
CA ASN B 123 24.68 -9.61 3.44
C ASN B 123 23.27 -9.39 4.01
N PRO B 124 22.39 -10.43 3.97
CA PRO B 124 21.01 -10.40 4.47
C PRO B 124 20.82 -9.68 5.78
N ASP B 125 21.64 -9.98 6.77
CA ASP B 125 21.53 -9.33 8.08
C ASP B 125 21.71 -7.82 8.05
N VAL B 126 22.53 -7.33 7.10
CA VAL B 126 22.78 -5.90 6.94
C VAL B 126 21.53 -5.29 6.31
N GLN B 127 20.96 -5.99 5.33
CA GLN B 127 19.74 -5.49 4.72
C GLN B 127 18.71 -5.27 5.83
N ALA B 128 18.51 -6.27 6.68
CA ALA B 128 17.55 -6.20 7.77
C ALA B 128 17.86 -5.09 8.78
N ALA B 129 19.09 -4.62 8.83
CA ALA B 129 19.44 -3.55 9.76
C ALA B 129 19.09 -2.21 9.11
N PHE B 130 19.35 -2.10 7.82
CA PHE B 130 19.03 -0.88 7.08
C PHE B 130 17.53 -0.83 6.91
N GLN B 131 16.90 -1.98 6.72
CA GLN B 131 15.45 -2.06 6.52
C GLN B 131 14.65 -1.39 7.60
N LYS B 132 15.11 -1.49 8.84
CA LYS B 132 14.46 -0.88 9.99
C LYS B 132 14.73 0.64 10.07
N VAL B 133 15.96 1.03 9.71
CA VAL B 133 16.40 2.42 9.69
C VAL B 133 15.54 3.17 8.67
N VAL B 134 15.62 2.77 7.40
CA VAL B 134 14.84 3.39 6.35
C VAL B 134 13.34 3.48 6.70
N ALA B 135 12.87 2.60 7.58
CA ALA B 135 11.47 2.62 8.03
C ALA B 135 11.37 3.73 9.05
N GLY B 136 12.41 3.85 9.88
CA GLY B 136 12.46 4.90 10.89
C GLY B 136 12.42 6.31 10.31
N VAL B 137 13.14 6.51 9.20
CA VAL B 137 13.16 7.79 8.52
C VAL B 137 11.79 7.89 7.87
N ALA B 138 11.47 6.89 7.04
CA ALA B 138 10.18 6.82 6.34
C ALA B 138 8.98 7.16 7.18
N ASN B 139 9.01 6.80 8.46
CA ASN B 139 7.89 7.08 9.38
C ASN B 139 8.12 8.36 10.18
N ALA B 140 9.37 8.80 10.27
CA ALA B 140 9.68 10.02 10.97
C ALA B 140 9.16 11.12 10.07
N LEU B 141 9.57 11.10 8.81
CA LEU B 141 9.13 12.09 7.83
C LEU B 141 7.62 12.17 7.64
N ALA B 142 6.90 11.11 7.99
CA ALA B 142 5.45 11.05 7.87
C ALA B 142 4.76 11.56 9.14
N HIS B 143 5.56 11.97 10.11
CA HIS B 143 5.09 12.47 11.41
C HIS B 143 4.09 13.63 11.43
N LYS B 144 4.56 14.83 11.16
CA LYS B 144 3.67 16.00 11.19
C LYS B 144 2.68 15.94 10.04
N TYR B 145 1.60 15.19 10.23
CA TYR B 145 0.59 15.07 9.18
C TYR B 145 -0.86 15.21 9.63
N HIS B 146 -1.74 14.41 9.04
CA HIS B 146 -3.17 14.46 9.35
C HIS B 146 -3.72 13.04 9.45
N VAL C 1 -10.75 -9.98 -13.02
CA VAL C 1 -11.18 -11.37 -12.67
C VAL C 1 -12.42 -11.31 -11.78
N LEU C 2 -13.52 -10.79 -12.34
CA LEU C 2 -14.76 -10.65 -11.60
C LEU C 2 -15.65 -11.86 -11.78
N SER C 3 -16.00 -12.49 -10.67
CA SER C 3 -16.88 -13.63 -10.71
C SER C 3 -18.21 -13.10 -11.25
N ALA C 4 -19.14 -13.99 -11.60
CA ALA C 4 -20.44 -13.59 -12.14
C ALA C 4 -21.26 -12.87 -11.08
N ALA C 5 -20.97 -13.18 -9.82
CA ALA C 5 -21.65 -12.52 -8.71
C ALA C 5 -21.38 -11.01 -8.74
N ASP C 6 -20.12 -10.66 -8.56
CA ASP C 6 -19.70 -9.29 -8.53
C ASP C 6 -20.27 -8.51 -9.71
N LYS C 7 -20.31 -9.13 -10.88
CA LYS C 7 -20.84 -8.45 -12.05
C LYS C 7 -22.31 -8.12 -11.85
N ALA C 8 -23.02 -8.96 -11.11
CA ALA C 8 -24.44 -8.71 -10.87
C ALA C 8 -24.65 -7.68 -9.78
N ASN C 9 -23.98 -7.86 -8.63
CA ASN C 9 -24.12 -6.93 -7.50
C ASN C 9 -23.70 -5.53 -7.91
N VAL C 10 -22.57 -5.43 -8.60
CA VAL C 10 -22.10 -4.14 -9.07
C VAL C 10 -23.19 -3.50 -9.92
N LYS C 11 -23.70 -4.21 -10.93
CA LYS C 11 -24.77 -3.67 -11.80
C LYS C 11 -26.08 -3.30 -11.08
N ALA C 12 -26.36 -4.00 -9.99
CA ALA C 12 -27.56 -3.74 -9.23
C ALA C 12 -27.29 -2.55 -8.34
N ALA C 13 -26.32 -2.66 -7.44
CA ALA C 13 -25.99 -1.55 -6.54
C ALA C 13 -25.86 -0.22 -7.29
N TRP C 14 -25.13 -0.21 -8.41
CA TRP C 14 -24.98 1.01 -9.19
C TRP C 14 -26.38 1.31 -9.71
N GLY C 15 -27.01 0.28 -10.27
CA GLY C 15 -28.36 0.44 -10.80
C GLY C 15 -29.38 0.97 -9.81
N LYS C 16 -29.25 0.66 -8.52
CA LYS C 16 -30.21 1.14 -7.53
C LYS C 16 -29.90 2.59 -7.22
N VAL C 17 -28.64 2.97 -7.35
CA VAL C 17 -28.25 4.34 -7.10
C VAL C 17 -28.99 5.21 -8.11
N GLY C 18 -28.96 4.76 -9.36
CA GLY C 18 -29.65 5.47 -10.42
C GLY C 18 -29.31 6.94 -10.46
N GLY C 19 -30.35 7.77 -10.54
CA GLY C 19 -30.16 9.21 -10.63
C GLY C 19 -29.10 9.80 -9.72
N GLN C 20 -29.07 9.34 -8.49
CA GLN C 20 -28.14 9.85 -7.49
C GLN C 20 -26.64 9.81 -7.78
N ALA C 21 -26.21 8.95 -8.69
CA ALA C 21 -24.80 8.79 -9.01
C ALA C 21 -23.95 10.07 -9.07
N GLY C 22 -24.47 11.08 -9.79
CA GLY C 22 -23.76 12.32 -9.93
C GLY C 22 -23.48 12.94 -8.60
N ALA C 23 -24.54 13.14 -7.82
CA ALA C 23 -24.45 13.73 -6.48
C ALA C 23 -23.41 13.00 -5.66
N HIS C 24 -23.24 11.69 -5.92
CA HIS C 24 -22.27 10.88 -5.20
C HIS C 24 -20.84 11.16 -5.67
N GLY C 25 -20.65 11.40 -6.96
CA GLY C 25 -19.32 11.68 -7.45
C GLY C 25 -18.73 12.87 -6.70
N ALA C 26 -19.59 13.85 -6.46
CA ALA C 26 -19.22 15.08 -5.77
C ALA C 26 -19.01 14.85 -4.31
N GLU C 27 -20.00 14.27 -3.63
CA GLU C 27 -19.86 14.04 -2.21
C GLU C 27 -18.55 13.34 -1.95
N ALA C 28 -18.27 12.37 -2.80
CA ALA C 28 -17.05 11.58 -2.70
C ALA C 28 -15.79 12.42 -2.81
N LEU C 29 -15.85 13.50 -3.56
CA LEU C 29 -14.66 14.32 -3.70
C LEU C 29 -14.47 15.25 -2.50
N GLU C 30 -15.55 15.77 -1.91
CA GLU C 30 -15.41 16.64 -0.75
C GLU C 30 -14.81 15.79 0.36
N ARG C 31 -15.45 14.66 0.63
CA ARG C 31 -14.95 13.76 1.69
C ARG C 31 -13.47 13.42 1.45
N MET C 32 -13.02 13.52 0.21
CA MET C 32 -11.62 13.23 -0.09
C MET C 32 -10.75 14.44 0.17
N PHE C 33 -11.09 15.58 -0.42
CA PHE C 33 -10.29 16.79 -0.24
C PHE C 33 -10.15 17.17 1.24
N LEU C 34 -11.13 16.82 2.08
CA LEU C 34 -11.03 17.17 3.48
C LEU C 34 -10.42 16.05 4.33
N GLY C 35 -10.58 14.81 3.86
CA GLY C 35 -10.03 13.69 4.61
C GLY C 35 -8.57 13.44 4.30
N PHE C 36 -8.21 13.68 3.03
CA PHE C 36 -6.85 13.51 2.55
C PHE C 36 -6.46 14.75 1.75
N PRO C 37 -6.22 15.87 2.44
CA PRO C 37 -5.84 17.17 1.86
C PRO C 37 -4.70 17.14 0.87
N THR C 38 -3.87 16.11 0.96
CA THR C 38 -2.74 16.02 0.04
C THR C 38 -3.21 15.94 -1.42
N THR C 39 -4.47 15.53 -1.60
CA THR C 39 -5.09 15.36 -2.93
C THR C 39 -5.71 16.62 -3.55
N LYS C 40 -5.85 17.68 -2.77
CA LYS C 40 -6.41 18.94 -3.26
C LYS C 40 -5.50 19.63 -4.31
N THR C 41 -4.19 19.34 -4.30
CA THR C 41 -3.27 19.98 -5.26
C THR C 41 -3.51 19.71 -6.73
N TYR C 42 -4.36 18.75 -7.07
CA TYR C 42 -4.63 18.48 -8.48
C TYR C 42 -5.77 19.40 -8.87
N PHE C 43 -6.42 19.96 -7.86
CA PHE C 43 -7.52 20.84 -8.14
C PHE C 43 -7.33 22.26 -7.61
N PRO C 44 -6.18 22.94 -7.97
CA PRO C 44 -5.94 24.31 -7.50
C PRO C 44 -6.83 25.32 -8.24
N HIS C 45 -7.12 25.06 -9.52
CA HIS C 45 -7.99 25.94 -10.30
C HIS C 45 -9.43 25.85 -9.86
N PHE C 46 -9.71 24.95 -8.93
CA PHE C 46 -11.07 24.74 -8.48
C PHE C 46 -11.27 25.37 -7.12
N ASN C 47 -12.54 25.55 -6.75
CA ASN C 47 -12.93 26.06 -5.45
C ASN C 47 -13.65 24.84 -4.87
N LEU C 48 -13.23 24.34 -3.70
CA LEU C 48 -13.90 23.16 -3.13
C LEU C 48 -14.30 23.20 -1.65
N SER C 49 -14.99 24.27 -1.27
CA SER C 49 -15.45 24.45 0.09
C SER C 49 -16.59 23.51 0.45
N HIS C 50 -17.67 23.53 -0.33
CA HIS C 50 -18.82 22.66 -0.08
C HIS C 50 -19.97 22.92 -1.05
N GLY C 51 -20.30 21.92 -1.86
CA GLY C 51 -21.40 22.06 -2.80
C GLY C 51 -21.25 23.18 -3.79
N SER C 52 -20.01 23.46 -4.20
CA SER C 52 -19.72 24.51 -5.17
C SER C 52 -19.85 23.94 -6.56
N ASP C 53 -20.49 24.70 -7.45
CA ASP C 53 -20.72 24.27 -8.83
C ASP C 53 -19.57 23.51 -9.51
N GLN C 54 -18.33 23.75 -9.11
CA GLN C 54 -17.19 23.07 -9.69
C GLN C 54 -17.09 21.60 -9.29
N VAL C 55 -17.00 21.30 -7.99
CA VAL C 55 -16.96 19.89 -7.60
C VAL C 55 -18.21 19.19 -8.11
N LYS C 56 -19.35 19.89 -8.08
CA LYS C 56 -20.65 19.38 -8.55
C LYS C 56 -20.61 18.97 -10.03
N ALA C 57 -19.82 19.69 -10.83
CA ALA C 57 -19.68 19.40 -12.25
C ALA C 57 -18.66 18.30 -12.50
N HIS C 58 -17.56 18.31 -11.75
CA HIS C 58 -16.54 17.27 -11.92
C HIS C 58 -17.16 15.97 -11.41
N GLY C 59 -17.87 16.06 -10.30
CA GLY C 59 -18.51 14.88 -9.74
C GLY C 59 -19.40 14.11 -10.70
N GLN C 60 -20.17 14.81 -11.54
CA GLN C 60 -21.06 14.12 -12.48
C GLN C 60 -20.23 13.45 -13.56
N LYS C 61 -19.11 14.07 -13.87
CA LYS C 61 -18.25 13.48 -14.88
C LYS C 61 -17.62 12.23 -14.31
N VAL C 62 -17.41 12.22 -13.00
CA VAL C 62 -16.84 11.06 -12.30
C VAL C 62 -17.85 9.91 -12.25
N ALA C 63 -19.09 10.21 -11.88
CA ALA C 63 -20.12 9.17 -11.81
C ALA C 63 -20.38 8.58 -13.20
N ASP C 64 -20.46 9.43 -14.23
CA ASP C 64 -20.69 8.97 -15.60
C ASP C 64 -19.56 8.03 -16.04
N ALA C 65 -18.33 8.33 -15.65
CA ALA C 65 -17.20 7.48 -15.98
C ALA C 65 -17.40 6.08 -15.41
N LEU C 66 -17.94 5.98 -14.20
CA LEU C 66 -18.15 4.66 -13.60
C LEU C 66 -19.38 3.99 -14.18
N THR C 67 -20.33 4.78 -14.64
CA THR C 67 -21.51 4.19 -15.24
C THR C 67 -21.13 3.42 -16.50
N LYS C 68 -20.14 3.91 -17.24
CA LYS C 68 -19.70 3.24 -18.45
C LYS C 68 -18.94 1.95 -18.09
N ALA C 69 -18.02 2.06 -17.14
CA ALA C 69 -17.25 0.88 -16.73
C ALA C 69 -18.19 -0.20 -16.22
N VAL C 70 -19.15 0.20 -15.38
CA VAL C 70 -20.15 -0.72 -14.83
C VAL C 70 -20.88 -1.40 -15.99
N GLY C 71 -20.96 -0.69 -17.12
CA GLY C 71 -21.64 -1.23 -18.29
C GLY C 71 -20.71 -1.88 -19.30
N HIS C 72 -19.41 -1.84 -19.04
CA HIS C 72 -18.48 -2.48 -19.95
C HIS C 72 -17.53 -3.38 -19.16
N LEU C 73 -18.10 -4.01 -18.11
CA LEU C 73 -17.37 -4.89 -17.19
C LEU C 73 -16.40 -5.87 -17.83
N ASP C 74 -16.73 -6.33 -19.03
CA ASP C 74 -15.87 -7.27 -19.73
C ASP C 74 -14.64 -6.63 -20.35
N ASP C 75 -14.80 -5.49 -21.00
CA ASP C 75 -13.63 -4.80 -21.53
C ASP C 75 -13.57 -3.41 -20.90
N LEU C 76 -12.89 -3.35 -19.75
CA LEU C 76 -12.71 -2.12 -18.96
C LEU C 76 -11.68 -1.17 -19.59
N PRO C 77 -10.52 -1.70 -20.05
CA PRO C 77 -9.44 -0.93 -20.69
C PRO C 77 -9.94 -0.08 -21.83
N GLY C 78 -10.69 -0.67 -22.74
CA GLY C 78 -11.23 0.12 -23.84
C GLY C 78 -12.22 1.14 -23.30
N ALA C 79 -13.20 0.66 -22.55
CA ALA C 79 -14.22 1.53 -21.96
C ALA C 79 -13.61 2.81 -21.45
N LEU C 80 -12.47 2.70 -20.77
CA LEU C 80 -11.79 3.89 -20.23
C LEU C 80 -10.77 4.52 -21.20
N SER C 81 -10.43 3.80 -22.27
CA SER C 81 -9.49 4.26 -23.31
C SER C 81 -8.56 5.44 -22.97
N ALA C 82 -9.13 6.65 -22.91
CA ALA C 82 -8.38 7.89 -22.64
C ALA C 82 -8.35 8.37 -21.19
N LEU C 83 -9.26 7.91 -20.33
CA LEU C 83 -9.19 8.35 -18.95
C LEU C 83 -7.88 7.84 -18.33
N SER C 84 -7.44 6.65 -18.74
CA SER C 84 -6.19 6.10 -18.22
C SER C 84 -4.98 6.92 -18.65
N ASP C 85 -4.84 7.17 -19.95
CA ASP C 85 -3.72 7.95 -20.44
C ASP C 85 -3.78 9.35 -19.87
N LEU C 86 -4.98 9.87 -19.68
CA LEU C 86 -5.18 11.20 -19.13
C LEU C 86 -4.85 11.25 -17.63
N HIS C 87 -4.74 10.08 -17.01
CA HIS C 87 -4.42 9.97 -15.59
C HIS C 87 -2.94 9.67 -15.37
N ALA C 88 -2.48 8.59 -15.97
CA ALA C 88 -1.09 8.18 -15.86
C ALA C 88 -0.09 9.18 -16.46
N HIS C 89 0.11 9.09 -17.77
CA HIS C 89 1.08 9.95 -18.42
C HIS C 89 0.60 11.35 -18.81
N LYS C 90 0.33 12.19 -17.82
CA LYS C 90 -0.13 13.55 -18.07
C LYS C 90 -0.36 14.28 -16.75
N LEU C 91 -1.46 14.02 -16.06
CA LEU C 91 -1.64 14.71 -14.77
C LEU C 91 -0.66 14.02 -13.79
N ARG C 92 -0.27 12.81 -14.13
CA ARG C 92 0.64 12.02 -13.31
C ARG C 92 0.10 11.89 -11.87
N VAL C 93 -1.09 11.30 -11.79
CA VAL C 93 -1.79 11.06 -10.52
C VAL C 93 -1.13 9.93 -9.74
N ASP C 94 -0.68 10.24 -8.53
CA ASP C 94 -0.07 9.25 -7.65
C ASP C 94 -1.13 8.13 -7.47
N PRO C 95 -0.71 6.85 -7.38
CA PRO C 95 -1.69 5.77 -7.21
C PRO C 95 -2.46 5.67 -5.90
N VAL C 96 -1.95 6.26 -4.83
CA VAL C 96 -2.69 6.19 -3.58
C VAL C 96 -3.96 7.02 -3.68
N ASN C 97 -3.94 8.11 -4.42
CA ASN C 97 -5.16 8.91 -4.55
C ASN C 97 -6.33 8.10 -5.14
N PHE C 98 -6.08 7.00 -5.83
CA PHE C 98 -7.18 6.19 -6.33
C PHE C 98 -7.71 5.42 -5.14
N LYS C 99 -6.81 4.93 -4.29
CA LYS C 99 -7.23 4.17 -3.12
C LYS C 99 -8.08 5.02 -2.18
N LEU C 100 -7.75 6.29 -2.04
CA LEU C 100 -8.52 7.13 -1.15
C LEU C 100 -9.87 7.55 -1.73
N LEU C 101 -9.95 7.62 -3.08
CA LEU C 101 -11.20 8.00 -3.76
C LEU C 101 -12.18 6.79 -3.87
N SER C 102 -11.69 5.58 -3.62
CA SER C 102 -12.56 4.42 -3.69
C SER C 102 -13.28 4.26 -2.35
N HIS C 103 -12.52 4.38 -1.27
CA HIS C 103 -13.09 4.26 0.06
C HIS C 103 -14.05 5.41 0.41
N CYS C 104 -13.83 6.60 -0.14
CA CYS C 104 -14.72 7.74 0.10
C CYS C 104 -15.91 7.68 -0.85
N LEU C 105 -15.83 6.86 -1.90
CA LEU C 105 -16.96 6.71 -2.82
C LEU C 105 -17.81 5.62 -2.17
N LEU C 106 -17.16 4.59 -1.66
CA LEU C 106 -17.84 3.53 -0.96
C LEU C 106 -18.57 4.13 0.25
N VAL C 107 -17.87 4.89 1.10
CA VAL C 107 -18.52 5.50 2.27
C VAL C 107 -19.75 6.32 1.89
N THR C 108 -19.74 6.94 0.70
CA THR C 108 -20.90 7.74 0.29
C THR C 108 -22.05 6.79 0.14
N LEU C 109 -21.88 5.80 -0.74
CA LEU C 109 -22.92 4.79 -1.00
C LEU C 109 -23.54 4.24 0.27
N ALA C 110 -22.71 3.99 1.30
CA ALA C 110 -23.22 3.44 2.56
C ALA C 110 -24.05 4.46 3.27
N ALA C 111 -23.56 5.69 3.39
CA ALA C 111 -24.36 6.73 4.05
C ALA C 111 -25.74 6.88 3.39
N HIS C 112 -25.82 6.67 2.08
CA HIS C 112 -27.07 6.80 1.33
C HIS C 112 -27.85 5.53 1.03
N HIS C 113 -27.22 4.37 1.16
CA HIS C 113 -27.95 3.14 0.90
C HIS C 113 -27.68 2.04 1.93
N PRO C 114 -27.76 2.38 3.24
CA PRO C 114 -27.51 1.41 4.31
C PRO C 114 -28.45 0.25 4.12
N ASP C 115 -29.58 0.56 3.50
CA ASP C 115 -30.58 -0.46 3.20
C ASP C 115 -29.92 -1.56 2.38
N ASP C 116 -29.43 -1.22 1.19
CA ASP C 116 -28.81 -2.20 0.32
C ASP C 116 -27.34 -1.94 0.12
N PHE C 117 -26.57 -2.32 1.13
CA PHE C 117 -25.13 -2.18 1.13
C PHE C 117 -24.70 -3.36 2.01
N ASN C 118 -25.18 -4.56 1.71
CA ASN C 118 -24.82 -5.70 2.55
C ASN C 118 -23.33 -6.01 2.37
N PRO C 119 -22.72 -6.86 3.24
CA PRO C 119 -21.29 -7.16 3.10
C PRO C 119 -20.85 -7.68 1.76
N SER C 120 -21.71 -8.44 1.10
CA SER C 120 -21.42 -9.01 -0.20
C SER C 120 -21.28 -7.90 -1.20
N VAL C 121 -22.31 -7.06 -1.31
CA VAL C 121 -22.25 -5.96 -2.26
C VAL C 121 -21.02 -5.12 -1.96
N HIS C 122 -20.74 -4.89 -0.68
CA HIS C 122 -19.58 -4.11 -0.29
C HIS C 122 -18.30 -4.72 -0.85
N ALA C 123 -18.18 -6.04 -0.81
CA ALA C 123 -16.97 -6.70 -1.31
C ALA C 123 -16.84 -6.62 -2.82
N SER C 124 -17.96 -6.72 -3.52
CA SER C 124 -17.98 -6.66 -4.96
C SER C 124 -17.72 -5.27 -5.51
N LEU C 125 -18.23 -4.24 -4.84
CA LEU C 125 -18.01 -2.85 -5.27
C LEU C 125 -16.54 -2.48 -5.06
N ASP C 126 -15.97 -3.02 -3.99
CA ASP C 126 -14.56 -2.82 -3.66
C ASP C 126 -13.65 -3.33 -4.81
N LYS C 127 -13.98 -4.49 -5.35
CA LYS C 127 -13.22 -5.08 -6.43
C LYS C 127 -13.42 -4.25 -7.68
N PHE C 128 -14.67 -3.94 -8.01
CA PHE C 128 -14.96 -3.12 -9.17
C PHE C 128 -14.00 -1.93 -9.17
N LEU C 129 -13.91 -1.21 -8.05
CA LEU C 129 -13.03 -0.04 -7.97
C LEU C 129 -11.53 -0.35 -8.05
N ALA C 130 -11.07 -1.40 -7.36
CA ALA C 130 -9.66 -1.70 -7.47
C ALA C 130 -9.37 -1.96 -8.93
N ASN C 131 -10.34 -2.58 -9.61
CA ASN C 131 -10.21 -2.91 -11.03
C ASN C 131 -10.15 -1.66 -11.88
N VAL C 132 -11.04 -0.72 -11.62
CA VAL C 132 -11.08 0.53 -12.34
C VAL C 132 -9.82 1.30 -12.07
N SER C 133 -9.18 1.06 -10.93
CA SER C 133 -7.94 1.76 -10.58
C SER C 133 -6.73 1.28 -11.36
N THR C 134 -6.49 -0.03 -11.42
CA THR C 134 -5.35 -0.55 -12.18
C THR C 134 -5.37 -0.01 -13.59
N VAL C 135 -6.57 0.07 -14.16
CA VAL C 135 -6.74 0.57 -15.51
C VAL C 135 -6.22 2.00 -15.61
N LEU C 136 -6.78 2.91 -14.82
CA LEU C 136 -6.35 4.31 -14.83
C LEU C 136 -4.88 4.47 -14.50
N THR C 137 -4.29 3.49 -13.83
CA THR C 137 -2.89 3.57 -13.48
C THR C 137 -2.04 2.50 -14.18
N SER C 138 -2.57 1.87 -15.23
CA SER C 138 -1.81 0.85 -15.94
C SER C 138 -0.87 1.44 -16.96
N LYS C 139 -1.35 2.46 -17.68
CA LYS C 139 -0.55 3.14 -18.70
C LYS C 139 0.57 3.95 -18.12
N TYR C 140 1.01 3.58 -16.93
CA TYR C 140 2.11 4.28 -16.31
C TYR C 140 3.36 3.85 -17.02
N ARG C 141 3.24 2.73 -17.73
CA ARG C 141 4.38 2.15 -18.42
C ARG C 141 3.91 0.97 -19.27
N VAL D 1 -2.93 12.52 19.04
CA VAL D 1 -2.92 12.94 17.61
C VAL D 1 -3.24 14.43 17.56
N HIS D 2 -3.00 15.06 16.43
CA HIS D 2 -3.25 16.48 16.32
C HIS D 2 -4.70 16.78 16.00
N LEU D 3 -5.50 16.76 17.06
CA LEU D 3 -6.92 17.05 16.98
C LEU D 3 -7.21 18.38 17.65
N SER D 4 -7.77 19.25 16.84
CA SER D 4 -8.13 20.60 17.22
C SER D 4 -9.39 20.57 18.05
N ALA D 5 -9.66 21.66 18.76
CA ALA D 5 -10.84 21.74 19.60
C ALA D 5 -12.13 21.31 18.88
N GLU D 6 -12.35 21.77 17.65
CA GLU D 6 -13.56 21.38 16.90
C GLU D 6 -13.48 19.92 16.53
N GLU D 7 -12.39 19.52 15.88
CA GLU D 7 -12.24 18.13 15.48
C GLU D 7 -12.54 17.23 16.67
N LYS D 8 -12.03 17.56 17.84
CA LYS D 8 -12.27 16.69 18.99
C LYS D 8 -13.72 16.55 19.44
N GLU D 9 -14.46 17.65 19.47
CA GLU D 9 -15.86 17.64 19.88
C GLU D 9 -16.67 16.87 18.88
N ALA D 10 -16.23 16.83 17.64
CA ALA D 10 -16.96 16.09 16.65
C ALA D 10 -16.84 14.60 16.86
N VAL D 11 -15.61 14.11 16.94
CA VAL D 11 -15.39 12.67 17.12
C VAL D 11 -16.15 12.11 18.36
N LEU D 12 -15.94 12.75 19.51
CA LEU D 12 -16.58 12.31 20.76
C LEU D 12 -18.06 12.59 20.70
N GLY D 13 -18.42 13.53 19.85
CA GLY D 13 -19.83 13.85 19.69
C GLY D 13 -20.46 12.69 18.97
N LEU D 14 -19.65 12.00 18.17
CA LEU D 14 -20.07 10.87 17.35
C LEU D 14 -20.03 9.47 18.02
N TRP D 15 -19.16 9.25 19.00
CA TRP D 15 -19.10 7.92 19.62
C TRP D 15 -20.36 7.66 20.45
N GLY D 16 -20.90 8.73 21.02
CA GLY D 16 -22.11 8.60 21.82
C GLY D 16 -23.29 8.09 21.03
N LYS D 17 -23.21 8.17 19.70
CA LYS D 17 -24.28 7.71 18.83
C LYS D 17 -24.02 6.35 18.27
N VAL D 18 -22.86 5.81 18.59
CA VAL D 18 -22.46 4.49 18.09
C VAL D 18 -22.79 3.37 19.09
N ASN D 19 -23.49 2.33 18.64
CA ASN D 19 -23.81 1.23 19.53
C ASN D 19 -22.63 0.32 19.34
N VAL D 20 -21.81 0.16 20.38
CA VAL D 20 -20.63 -0.66 20.26
C VAL D 20 -20.90 -2.12 19.99
N ASP D 21 -21.89 -2.69 20.67
CA ASP D 21 -22.23 -4.11 20.45
C ASP D 21 -22.45 -4.30 18.94
N GLU D 22 -23.30 -3.46 18.36
CA GLU D 22 -23.58 -3.57 16.94
C GLU D 22 -22.36 -3.30 16.02
N VAL D 23 -21.75 -2.13 16.13
CA VAL D 23 -20.65 -1.77 15.26
C VAL D 23 -19.52 -2.78 15.18
N GLY D 24 -18.84 -3.00 16.31
CA GLY D 24 -17.73 -3.93 16.35
C GLY D 24 -17.89 -5.27 15.67
N GLY D 25 -19.12 -5.79 15.60
CA GLY D 25 -19.32 -7.07 14.96
C GLY D 25 -19.50 -6.98 13.44
N GLU D 26 -20.10 -5.88 12.98
CA GLU D 26 -20.31 -5.66 11.55
C GLU D 26 -19.00 -5.26 10.90
N ALA D 27 -18.18 -4.48 11.60
CA ALA D 27 -16.91 -4.06 11.03
C ALA D 27 -16.00 -5.28 10.87
N LEU D 28 -15.70 -5.97 11.98
CA LEU D 28 -14.84 -7.14 11.87
C LEU D 28 -15.44 -8.23 10.96
N GLY D 29 -16.75 -8.26 10.81
CA GLY D 29 -17.36 -9.24 9.96
C GLY D 29 -17.08 -8.79 8.54
N ARG D 30 -17.31 -7.52 8.26
CA ARG D 30 -17.05 -7.05 6.92
C ARG D 30 -15.58 -7.18 6.57
N LEU D 31 -14.68 -7.09 7.55
CA LEU D 31 -13.24 -7.23 7.29
C LEU D 31 -13.00 -8.63 6.74
N LEU D 32 -13.37 -9.63 7.52
CA LEU D 32 -13.24 -11.03 7.12
C LEU D 32 -13.92 -11.31 5.80
N VAL D 33 -14.91 -10.51 5.42
CA VAL D 33 -15.58 -10.72 4.14
C VAL D 33 -14.92 -10.00 2.99
N VAL D 34 -14.66 -8.70 3.11
CA VAL D 34 -14.01 -7.91 2.02
C VAL D 34 -12.52 -8.27 1.73
N TYR D 35 -11.78 -8.67 2.75
CA TYR D 35 -10.39 -9.00 2.58
C TYR D 35 -10.15 -10.42 3.12
N PRO D 36 -10.51 -11.44 2.32
CA PRO D 36 -10.38 -12.86 2.62
C PRO D 36 -9.13 -13.30 3.38
N TRP D 37 -7.97 -12.93 2.86
CA TRP D 37 -6.74 -13.31 3.50
C TRP D 37 -6.77 -13.05 5.02
N THR D 38 -7.52 -12.02 5.44
CA THR D 38 -7.52 -11.69 6.86
C THR D 38 -8.05 -12.81 7.78
N GLN D 39 -8.95 -13.64 7.26
CA GLN D 39 -9.57 -14.74 8.02
C GLN D 39 -8.59 -15.68 8.70
N ARG D 40 -7.40 -15.82 8.09
CA ARG D 40 -6.35 -16.70 8.56
C ARG D 40 -6.07 -16.57 10.05
N PHE D 41 -5.61 -15.40 10.47
CA PHE D 41 -5.30 -15.12 11.87
C PHE D 41 -6.40 -15.58 12.82
N PHE D 42 -7.57 -15.82 12.26
CA PHE D 42 -8.70 -16.27 13.03
C PHE D 42 -8.83 -17.77 12.79
N GLU D 43 -9.57 -18.17 11.77
CA GLU D 43 -9.73 -19.61 11.48
C GLU D 43 -10.48 -20.38 12.56
N SER D 44 -9.92 -20.41 13.77
CA SER D 44 -10.51 -21.13 14.91
C SER D 44 -11.96 -20.73 15.22
N PHE D 45 -12.29 -19.47 14.97
CA PHE D 45 -13.62 -18.91 15.19
C PHE D 45 -14.73 -19.62 14.42
N GLY D 46 -14.53 -20.85 14.02
CA GLY D 46 -15.60 -21.55 13.33
C GLY D 46 -15.78 -21.36 11.83
N ASP D 47 -16.87 -21.94 11.35
CA ASP D 47 -17.29 -21.90 9.94
C ASP D 47 -17.33 -20.47 9.35
N LEU D 48 -16.35 -20.16 8.50
CA LEU D 48 -16.26 -18.85 7.84
C LEU D 48 -16.14 -19.21 6.34
N SER D 49 -17.17 -18.91 5.55
CA SER D 49 -17.16 -19.21 4.11
C SER D 49 -18.34 -18.61 3.36
N ASN D 50 -18.84 -17.47 3.85
CA ASN D 50 -19.95 -16.72 3.25
C ASN D 50 -20.30 -15.55 4.15
N ALA D 51 -20.84 -14.48 3.57
CA ALA D 51 -21.20 -13.28 4.30
C ALA D 51 -21.99 -13.64 5.55
N ASP D 52 -22.96 -14.53 5.37
CA ASP D 52 -23.87 -14.99 6.44
C ASP D 52 -23.20 -15.74 7.59
N ALA D 53 -22.25 -16.63 7.29
CA ALA D 53 -21.52 -17.41 8.30
C ALA D 53 -20.56 -16.57 9.16
N VAL D 54 -20.00 -15.51 8.58
CA VAL D 54 -19.12 -14.65 9.31
C VAL D 54 -19.94 -13.62 10.06
N MET D 55 -20.98 -13.09 9.43
CA MET D 55 -21.79 -12.12 10.10
C MET D 55 -22.43 -12.82 11.30
N GLY D 56 -23.07 -13.96 11.02
CA GLY D 56 -23.74 -14.72 12.06
C GLY D 56 -22.85 -15.42 13.08
N ASN D 57 -21.57 -15.61 12.75
CA ASN D 57 -20.68 -16.29 13.69
C ASN D 57 -20.67 -15.50 14.96
N PRO D 58 -21.14 -16.11 16.06
CA PRO D 58 -21.21 -15.50 17.39
C PRO D 58 -19.90 -14.89 17.83
N LYS D 59 -18.85 -15.70 17.86
CA LYS D 59 -17.53 -15.26 18.28
C LYS D 59 -17.05 -14.01 17.50
N VAL D 60 -17.39 -13.92 16.22
CA VAL D 60 -16.99 -12.74 15.42
C VAL D 60 -17.60 -11.50 16.06
N LYS D 61 -18.82 -11.62 16.56
CA LYS D 61 -19.48 -10.49 17.20
C LYS D 61 -18.88 -10.12 18.57
N ALA D 62 -18.49 -11.12 19.35
CA ALA D 62 -17.91 -10.84 20.67
C ALA D 62 -16.58 -10.16 20.47
N HIS D 63 -15.68 -10.81 19.75
CA HIS D 63 -14.36 -10.23 19.50
C HIS D 63 -14.55 -8.84 18.92
N GLY D 64 -15.46 -8.71 17.96
CA GLY D 64 -15.72 -7.44 17.33
C GLY D 64 -16.01 -6.32 18.32
N LYS D 65 -16.55 -6.64 19.49
CA LYS D 65 -16.85 -5.61 20.47
C LYS D 65 -15.68 -5.31 21.37
N LYS D 66 -14.83 -6.30 21.64
CA LYS D 66 -13.65 -6.04 22.47
C LYS D 66 -12.86 -5.02 21.66
N VAL D 67 -12.66 -5.33 20.38
CA VAL D 67 -11.97 -4.45 19.41
C VAL D 67 -12.50 -3.03 19.52
N LEU D 68 -13.82 -2.87 19.41
CA LEU D 68 -14.37 -1.53 19.55
C LEU D 68 -14.17 -0.97 20.96
N GLN D 69 -14.36 -1.79 21.99
CA GLN D 69 -14.16 -1.28 23.35
C GLN D 69 -12.74 -0.70 23.51
N SER D 70 -11.78 -1.25 22.78
CA SER D 70 -10.40 -0.76 22.80
C SER D 70 -10.41 0.55 22.08
N PHE D 71 -10.94 0.56 20.87
CA PHE D 71 -11.03 1.77 20.08
C PHE D 71 -11.74 2.85 20.91
N SER D 72 -12.64 2.42 21.80
CA SER D 72 -13.37 3.34 22.65
C SER D 72 -12.40 3.95 23.67
N ASP D 73 -11.78 3.10 24.50
CA ASP D 73 -10.81 3.54 25.51
C ASP D 73 -9.73 4.42 24.86
N GLY D 74 -9.23 3.97 23.72
CA GLY D 74 -8.21 4.72 22.99
C GLY D 74 -8.71 6.12 22.77
N LEU D 75 -9.94 6.24 22.28
CA LEU D 75 -10.54 7.54 22.03
C LEU D 75 -10.53 8.45 23.26
N LYS D 76 -10.70 7.84 24.43
CA LYS D 76 -10.71 8.57 25.69
C LYS D 76 -9.30 9.11 26.03
N HIS D 77 -8.31 8.81 25.20
CA HIS D 77 -6.95 9.30 25.43
C HIS D 77 -6.17 9.67 24.16
N LEU D 78 -6.80 10.43 23.24
CA LEU D 78 -6.16 10.82 22.00
C LEU D 78 -4.78 11.43 22.19
N ASP D 79 -4.57 12.09 23.33
CA ASP D 79 -3.28 12.72 23.64
C ASP D 79 -2.08 11.82 23.87
N ASN D 80 -2.30 10.55 24.17
CA ASN D 80 -1.18 9.63 24.38
C ASN D 80 -1.58 8.27 23.90
N LEU D 81 -1.85 8.17 22.59
CA LEU D 81 -2.24 6.90 22.02
C LEU D 81 -1.20 5.81 22.19
N LYS D 82 0.04 6.07 21.77
CA LYS D 82 1.11 5.08 21.86
C LYS D 82 1.15 4.35 23.20
N GLY D 83 1.17 5.12 24.27
CA GLY D 83 1.17 4.53 25.59
C GLY D 83 0.01 3.56 25.73
N THR D 84 -1.21 4.07 25.55
CA THR D 84 -2.40 3.25 25.65
C THR D 84 -2.27 1.94 24.88
N PHE D 85 -1.91 2.04 23.60
CA PHE D 85 -1.80 0.87 22.74
C PHE D 85 -0.54 0.02 22.82
N ALA D 86 0.41 0.43 23.66
CA ALA D 86 1.66 -0.30 23.81
C ALA D 86 1.44 -1.83 23.94
N LYS D 87 0.79 -2.25 25.03
CA LYS D 87 0.52 -3.68 25.29
C LYS D 87 -0.10 -4.43 24.11
N LEU D 88 -1.02 -3.79 23.41
CA LEU D 88 -1.70 -4.41 22.27
C LEU D 88 -0.78 -4.56 21.02
N SER D 89 0.25 -3.72 20.93
CA SER D 89 1.16 -3.77 19.80
C SER D 89 2.02 -5.05 19.67
N GLU D 90 2.69 -5.46 20.74
CA GLU D 90 3.52 -6.67 20.73
C GLU D 90 2.65 -7.91 20.79
N LEU D 91 1.35 -7.68 20.81
CA LEU D 91 0.37 -8.77 20.83
C LEU D 91 0.08 -9.13 19.38
N HIS D 92 -0.02 -8.10 18.54
CA HIS D 92 -0.26 -8.26 17.12
C HIS D 92 1.08 -8.44 16.41
N CYS D 93 2.15 -7.88 16.98
CA CYS D 93 3.51 -7.99 16.42
C CYS D 93 4.11 -9.37 16.65
N ASP D 94 4.38 -9.68 17.92
CA ASP D 94 4.96 -10.98 18.30
C ASP D 94 3.93 -12.06 18.13
N GLN D 95 2.93 -12.08 18.99
CA GLN D 95 1.89 -13.08 18.95
C GLN D 95 1.26 -13.33 17.60
N LEU D 96 0.62 -12.30 17.05
CA LEU D 96 -0.11 -12.41 15.78
C LEU D 96 0.60 -12.38 14.44
N HIS D 97 1.63 -11.54 14.31
CA HIS D 97 2.37 -11.40 13.06
C HIS D 97 1.42 -10.92 11.97
N VAL D 98 0.71 -9.83 12.28
CA VAL D 98 -0.24 -9.18 11.37
C VAL D 98 0.48 -8.01 10.74
N ASP D 99 0.57 -7.98 9.42
CA ASP D 99 1.22 -6.86 8.75
C ASP D 99 0.48 -5.59 9.17
N PRO D 100 1.21 -4.59 9.70
CA PRO D 100 0.60 -3.33 10.13
C PRO D 100 -0.37 -2.72 9.14
N GLU D 101 -0.29 -3.15 7.89
CA GLU D 101 -1.19 -2.61 6.89
C GLU D 101 -2.64 -2.97 7.22
N ASN D 102 -2.87 -4.19 7.71
CA ASN D 102 -4.23 -4.61 8.02
C ASN D 102 -4.92 -3.74 9.06
N PHE D 103 -4.14 -3.10 9.93
CA PHE D 103 -4.65 -2.20 10.98
C PHE D 103 -5.35 -0.98 10.39
N ARG D 104 -4.88 -0.51 9.23
CA ARG D 104 -5.52 0.63 8.58
C ARG D 104 -6.75 0.14 7.82
N LEU D 105 -6.69 -1.06 7.21
CA LEU D 105 -7.87 -1.57 6.50
C LEU D 105 -9.04 -1.63 7.52
N LEU D 106 -8.81 -2.31 8.63
CA LEU D 106 -9.84 -2.40 9.65
C LEU D 106 -10.33 -1.00 10.03
N GLY D 107 -9.39 -0.07 10.20
CA GLY D 107 -9.76 1.29 10.57
C GLY D 107 -10.67 1.85 9.50
N ASN D 108 -10.30 1.60 8.26
CA ASN D 108 -11.07 2.11 7.15
C ASN D 108 -12.39 1.36 6.86
N VAL D 109 -12.57 0.24 7.52
CA VAL D 109 -13.81 -0.51 7.39
C VAL D 109 -14.75 -0.03 8.51
N ILE D 110 -14.19 0.40 9.64
CA ILE D 110 -15.00 0.91 10.75
C ILE D 110 -15.62 2.22 10.28
N VAL D 111 -14.88 2.97 9.50
CA VAL D 111 -15.41 4.23 8.99
C VAL D 111 -16.61 3.97 8.06
N VAL D 112 -16.50 2.97 7.19
CA VAL D 112 -17.59 2.60 6.28
C VAL D 112 -18.77 2.10 7.08
N VAL D 113 -18.54 1.66 8.32
CA VAL D 113 -19.64 1.17 9.18
C VAL D 113 -20.30 2.30 9.94
N LEU D 114 -19.49 3.25 10.38
CA LEU D 114 -20.07 4.37 11.09
C LEU D 114 -21.00 5.04 10.11
N ALA D 115 -20.63 5.05 8.83
CA ALA D 115 -21.45 5.68 7.82
C ALA D 115 -22.74 4.90 7.52
N ARG D 116 -22.61 3.59 7.30
CA ARG D 116 -23.78 2.77 6.99
C ARG D 116 -24.84 2.91 8.08
N ARG D 117 -24.42 3.15 9.32
CA ARG D 117 -25.38 3.27 10.41
C ARG D 117 -25.69 4.64 10.95
N LEU D 118 -24.84 5.64 10.70
CA LEU D 118 -25.05 7.03 11.18
C LEU D 118 -25.49 7.97 10.08
N GLY D 119 -25.48 7.48 8.85
CA GLY D 119 -25.93 8.26 7.72
C GLY D 119 -25.55 9.72 7.79
N HIS D 120 -26.49 10.60 7.53
CA HIS D 120 -26.21 12.02 7.53
C HIS D 120 -25.37 12.50 8.70
N ASP D 121 -25.48 11.88 9.86
CA ASP D 121 -24.71 12.30 11.03
C ASP D 121 -23.20 12.05 10.90
N PHE D 122 -22.77 11.59 9.73
CA PHE D 122 -21.36 11.29 9.46
C PHE D 122 -20.99 12.15 8.28
N ASN D 123 -21.18 13.44 8.44
CA ASN D 123 -20.87 14.44 7.41
C ASN D 123 -19.39 14.44 7.03
N PRO D 124 -19.06 14.92 5.82
CA PRO D 124 -17.67 14.96 5.35
C PRO D 124 -16.67 15.42 6.39
N ASP D 125 -17.05 16.41 7.16
CA ASP D 125 -16.15 16.94 8.18
C ASP D 125 -15.83 15.94 9.29
N VAL D 126 -16.87 15.41 9.94
CA VAL D 126 -16.70 14.44 11.03
C VAL D 126 -15.87 13.27 10.62
N GLN D 127 -16.08 12.78 9.40
CA GLN D 127 -15.31 11.65 8.85
C GLN D 127 -13.82 11.99 8.76
N ALA D 128 -13.54 13.24 8.36
CA ALA D 128 -12.16 13.72 8.23
C ALA D 128 -11.48 13.67 9.59
N ALA D 129 -12.14 14.20 10.61
CA ALA D 129 -11.61 14.21 11.96
C ALA D 129 -11.32 12.79 12.36
N PHE D 130 -12.25 11.91 12.03
CA PHE D 130 -12.14 10.49 12.35
C PHE D 130 -11.05 9.74 11.56
N GLN D 131 -10.82 10.14 10.32
CA GLN D 131 -9.79 9.48 9.53
C GLN D 131 -8.44 9.68 10.23
N LYS D 132 -8.26 10.83 10.87
CA LYS D 132 -7.04 11.15 11.60
C LYS D 132 -6.88 10.05 12.62
N VAL D 133 -7.80 10.05 13.59
CA VAL D 133 -7.83 9.09 14.69
C VAL D 133 -7.46 7.68 14.23
N VAL D 134 -8.05 7.23 13.13
CA VAL D 134 -7.76 5.91 12.60
C VAL D 134 -6.27 5.74 12.34
N ALA D 135 -5.66 6.75 11.74
CA ALA D 135 -4.23 6.68 11.47
C ALA D 135 -3.57 6.54 12.82
N GLY D 136 -3.97 7.40 13.76
CA GLY D 136 -3.41 7.36 15.09
C GLY D 136 -3.44 5.99 15.72
N VAL D 137 -4.54 5.25 15.57
CA VAL D 137 -4.63 3.92 16.16
C VAL D 137 -3.74 2.93 15.40
N ALA D 138 -3.68 3.08 14.07
CA ALA D 138 -2.85 2.22 13.22
C ALA D 138 -1.36 2.42 13.51
N ASN D 139 -0.90 3.66 13.51
CA ASN D 139 0.49 3.95 13.81
C ASN D 139 0.75 3.56 15.27
N ALA D 140 -0.25 3.71 16.15
CA ALA D 140 -0.11 3.34 17.56
C ALA D 140 0.17 1.84 17.74
N LEU D 141 -0.68 1.00 17.14
CA LEU D 141 -0.54 -0.46 17.20
C LEU D 141 0.70 -0.93 16.44
N ALA D 142 1.13 -0.14 15.46
CA ALA D 142 2.32 -0.46 14.69
C ALA D 142 3.53 0.17 15.35
N HIS D 143 3.58 0.11 16.68
CA HIS D 143 4.70 0.69 17.41
C HIS D 143 5.72 -0.37 17.79
N LYS D 144 5.44 -1.11 18.86
CA LYS D 144 6.33 -2.15 19.34
C LYS D 144 6.45 -3.28 18.31
N TYR D 145 7.05 -2.98 17.17
CA TYR D 145 7.19 -3.97 16.12
C TYR D 145 8.59 -4.54 16.06
N HIS D 146 8.66 -5.80 15.65
CA HIS D 146 9.91 -6.54 15.56
C HIS D 146 9.63 -7.87 14.88
CHA HEM E . 4.23 -22.19 -2.31
CHB HEM E . 6.11 -19.60 -5.87
CHC HEM E . 5.36 -15.68 -3.21
CHD HEM E . 4.55 -18.46 0.67
C1A HEM E . 4.84 -21.84 -3.52
C2A HEM E . 5.35 -22.79 -4.54
C3A HEM E . 5.80 -22.01 -5.51
C4A HEM E . 5.70 -20.65 -5.09
CMA HEM E . 6.35 -22.44 -6.87
CAA HEM E . 5.61 -24.30 -4.44
CBA HEM E . 4.62 -25.15 -5.23
CGA HEM E . 4.96 -26.63 -5.27
O1A HEM E . 5.51 -27.16 -4.28
O2A HEM E . 4.67 -27.28 -6.30
C1B HEM E . 6.05 -18.29 -5.47
C2B HEM E . 6.16 -17.18 -6.39
C3B HEM E . 5.96 -16.08 -5.71
C4B HEM E . 5.62 -16.49 -4.31
CMB HEM E . 6.12 -17.25 -7.88
CAB HEM E . 6.05 -14.80 -6.24
CBB HEM E . 7.25 -14.28 -6.70
C1C HEM E . 5.11 -16.11 -1.93
C2C HEM E . 4.99 -15.24 -0.78
C3C HEM E . 4.74 -15.99 0.29
C4C HEM E . 4.74 -17.35 -0.19
CMC HEM E . 5.20 -13.75 -0.75
CAC HEM E . 4.59 -15.59 1.57
CBC HEM E . 5.68 -15.22 2.25
C1D HEM E . 4.51 -19.76 0.28
C2D HEM E . 4.03 -20.86 1.11
C3D HEM E . 3.92 -21.92 0.28
C4D HEM E . 4.19 -21.43 -1.11
CMD HEM E . 3.34 -20.79 2.46
CAD HEM E . 3.75 -23.31 0.87
CBD HEM E . 4.52 -24.30 0.04
CGD HEM E . 5.09 -25.44 0.84
O1D HEM E . 5.84 -26.22 0.26
O2D HEM E . 4.79 -25.56 2.03
NA HEM E . 5.17 -20.55 -3.81
NB HEM E . 5.66 -17.87 -4.18
NC HEM E . 4.98 -17.40 -1.55
ND HEM E . 4.59 -20.10 -1.06
FE HEM E . 5.10 -18.96 -2.57
CHA HEM F . 13.31 18.53 -0.71
CHB HEM F . 14.67 14.96 2.13
CHC HEM F . 11.45 11.95 0.04
CHD HEM F . 10.23 15.55 -2.99
C1A HEM F . 14.00 17.81 0.27
C2A HEM F . 15.14 18.32 1.11
C3A HEM F . 15.54 17.23 1.78
C4A HEM F . 14.59 16.15 1.51
CMA HEM F . 16.87 17.10 2.50
CAA HEM F . 15.66 19.74 1.51
CBA HEM F . 14.73 20.90 1.14
CGA HEM F . 14.77 22.06 2.12
O1A HEM F . 14.55 21.84 3.35
O2A HEM F . 14.99 23.20 1.67
C1B HEM F . 14.02 13.83 1.78
C2B HEM F . 14.19 12.52 2.50
C3B HEM F . 13.23 11.64 1.95
C4B HEM F . 12.51 12.44 0.87
CMB HEM F . 15.22 12.19 3.60
CAB HEM F . 12.90 10.37 2.50
CBB HEM F . 13.20 9.06 2.08
C1C HEM F . 10.86 12.66 -1.01
C2C HEM F . 9.99 12.06 -2.02
C3C HEM F . 9.51 13.09 -2.78
C4C HEM F . 10.25 14.31 -2.33
CMC HEM F . 9.90 10.57 -2.32
CAC HEM F . 8.51 13.12 -3.78
CBC HEM F . 8.09 12.11 -4.65
C1D HEM F . 10.99 16.67 -2.68
C2D HEM F . 10.95 17.99 -3.40
C3D HEM F . 11.75 18.87 -2.69
C4D HEM F . 12.32 18.05 -1.58
CMD HEM F . 10.21 18.33 -4.68
CAD HEM F . 12.07 20.32 -3.08
CBD HEM F . 12.89 20.43 -4.39
CGD HEM F . 13.10 21.87 -4.87
O1D HEM F . 14.20 22.21 -5.35
O2D HEM F . 12.14 22.68 -4.78
NA HEM F . 13.71 16.45 0.51
NB HEM F . 13.04 13.78 0.77
NC HEM F . 11.10 14.03 -1.28
ND HEM F . 11.87 16.72 -1.61
FE HEM F . 12.49 15.24 -0.53
CHA HEM G . -10.31 14.39 -14.80
CHB HEM G . -12.64 10.35 -13.95
CHC HEM G . -9.97 9.65 -10.09
CHD HEM G . -7.93 14.06 -10.59
C1A HEM G . -11.33 13.45 -14.74
C2A HEM G . -12.61 13.54 -15.42
C3A HEM G . -13.25 12.40 -15.19
C4A HEM G . -12.42 11.67 -14.25
CMA HEM G . -14.48 11.95 -15.96
CAA HEM G . -13.23 14.60 -16.33
CBA HEM G . -12.33 14.50 -17.56
CGA HEM G . -12.77 15.39 -18.68
O1A HEM G . -12.34 16.56 -18.71
O2A HEM G . -13.54 14.91 -19.54
C1B HEM G . -11.99 9.65 -13.02
C2B HEM G . -12.50 8.40 -12.49
C3B HEM G . -11.89 8.31 -11.34
C4B HEM G . -10.92 9.40 -11.16
CMB HEM G . -13.42 7.31 -13.04
CAB HEM G . -12.16 7.30 -10.46
CBB HEM G . -11.13 6.45 -10.06
C1C HEM G . -9.14 10.79 -9.88
C2C HEM G . -8.18 10.99 -8.78
C3C HEM G . -7.73 12.23 -8.86
C4C HEM G . -8.25 12.78 -10.09
CMC HEM G . -7.78 9.96 -7.73
CAC HEM G . -7.24 12.98 -7.83
CBC HEM G . -6.09 12.80 -7.15
C1D HEM G . -8.41 14.56 -11.83
C2D HEM G . -8.17 15.87 -12.42
C3D HEM G . -8.77 15.92 -13.59
C4D HEM G . -9.34 14.61 -13.82
CMD HEM G . -7.45 17.05 -11.85
CAD HEM G . -9.09 17.09 -14.50
CBD HEM G . -9.52 18.50 -14.11
CGD HEM G . -10.57 19.06 -15.08
O1D HEM G . -11.77 19.08 -14.71
O2D HEM G . -10.19 19.46 -16.20
NA HEM G . -11.32 12.37 -13.89
NB HEM G . -11.05 10.26 -12.23
NC HEM G . -9.13 11.88 -10.69
ND HEM G . -9.21 13.79 -12.70
FE HEM G . -10.15 12.02 -12.36
CHA HEM H . -7.03 -10.40 19.14
CHB HEM H . -7.67 -5.71 19.46
CHC HEM H . -6.77 -5.25 14.71
CHD HEM H . -6.10 -9.99 14.48
C1A HEM H . -7.49 -9.17 19.60
C2A HEM H . -7.75 -8.90 21.02
C3A HEM H . -8.06 -7.61 21.14
C4A HEM H . -7.92 -7.04 19.75
CMA HEM H . -8.42 -6.93 22.44
CAA HEM H . -7.49 -9.91 22.15
CBA HEM H . -5.99 -10.28 22.20
CGA HEM H . -5.70 -11.52 23.05
O1A HEM H . -5.52 -12.62 22.46
O2A HEM H . -5.62 -11.40 24.29
C1B HEM H . -7.30 -5.17 18.20
C2B HEM H . -7.39 -3.75 17.87
C3B HEM H . -7.07 -3.63 16.59
C4B HEM H . -6.88 -4.95 16.07
CMB HEM H . -8.02 -2.69 18.75
CAB HEM H . -7.05 -2.49 15.83
CBB HEM H . -8.14 -1.65 15.79
C1C HEM H . -6.68 -6.53 14.17
C2C HEM H . -6.39 -6.84 12.82
C3C HEM H . -6.16 -8.17 12.73
C4C HEM H . -6.26 -8.66 14.10
CMC HEM H . -6.23 -5.83 11.74
CAC HEM H . -5.88 -8.88 11.57
CBC HEM H . -6.45 -10.06 11.14
C1D HEM H . -6.35 -10.54 15.72
C2D HEM H . -6.16 -11.96 16.10
C3D HEM H . -6.42 -12.08 17.37
C4D HEM H . -6.67 -10.69 17.84
CMD HEM H . -5.50 -13.10 15.35
CAD HEM H . -6.39 -13.39 18.19
CBD HEM H . -7.50 -14.42 18.02
CGD HEM H . -8.20 -14.76 19.33
O1D HEM H . -7.76 -14.25 20.39
O2D HEM H . -9.19 -15.53 19.33
NA HEM H . -7.64 -8.03 18.80
NB HEM H . -7.04 -5.90 17.07
NC HEM H . -6.64 -7.65 14.96
ND HEM H . -6.67 -9.77 16.80
FE HEM H . -7.17 -7.82 16.85
#